data_6OVO
#
_entry.id   6OVO
#
_cell.length_a   149.620
_cell.length_b   149.620
_cell.length_c   55.991
_cell.angle_alpha   90.000
_cell.angle_beta   90.000
_cell.angle_gamma   120.000
#
_symmetry.space_group_name_H-M   'P 61'
#
loop_
_entity.id
_entity.type
_entity.pdbx_description
1 polymer 'Alpha Chain T-Cell Receptor PG10'
2 polymer 'Beta Chain T-Cell Receptor PG10'
3 non-polymer 'SULFATE ION'
4 non-polymer 1,2-ETHANEDIOL
5 non-polymer 'CHLORIDE ION'
6 water water
#
loop_
_entity_poly.entity_id
_entity_poly.type
_entity_poly.pdbx_seq_one_letter_code
_entity_poly.pdbx_strand_id
1 'polypeptide(L)'
;GENVEQHPSTLSVQEGDSAVIKCTYSDSASNYFPWYKQELGKGPQLIIDIRSNVGEKKDQRIAVTLNKTAKHFSLHITET
QPEDSAVYFCAASKRGFQKLVFGTGTRLLVSPNIQNPDPAVYQLRDSKSSDKSVCLFTDFDSQTNVSQSKDSDVYITDKC
VLDMRSMDFKSNSAVAWSNKSDFACANAFNNSIIPEDTFFPSPESS
;
A
2 'polypeptide(L)'
;DTEVTQTPKHLVMGMTNKKSLKCEQHMGHRAMYWYKQKAKKPPELMFVYSYEKLSINESVPSRFSPECPNSSLLNLHLHA
LQPEDSALYLCASSQPPLGVGTDTQYFGPGTRLTVLEDLKNVFPPEVAVFEPSEAEISHTQKATLVCLATGFYPDHVELS
WWVNGKEVHSGVCTDPQPLKEQPALNDSRYALSSRLRVSATFWQNPRNHFRCQVQFYGLSENDEWTQDRAKPVTQIVSAE
AWGRADG
;
B
#
loop_
_chem_comp.id
_chem_comp.type
_chem_comp.name
_chem_comp.formula
CL non-polymer 'CHLORIDE ION' 'Cl -1'
EDO non-polymer 1,2-ETHANEDIOL 'C2 H6 O2'
SO4 non-polymer 'SULFATE ION' 'O4 S -2'
#
# COMPACT_ATOMS: atom_id res chain seq x y z
N GLY A 1 29.30 5.82 6.41
CA GLY A 1 29.42 6.79 7.48
C GLY A 1 28.81 8.14 7.16
N GLU A 2 28.13 8.22 6.01
CA GLU A 2 27.54 9.46 5.55
C GLU A 2 26.03 9.44 5.74
N ASN A 3 25.42 10.62 5.64
CA ASN A 3 23.99 10.72 5.88
C ASN A 3 23.35 11.62 4.83
N VAL A 4 22.04 11.43 4.66
CA VAL A 4 21.19 12.33 3.91
C VAL A 4 20.01 12.66 4.81
N GLU A 5 19.79 13.95 5.07
CA GLU A 5 18.69 14.35 5.94
C GLU A 5 17.50 14.84 5.14
N GLN A 6 16.36 14.17 5.34
CA GLN A 6 15.14 14.49 4.61
C GLN A 6 14.17 15.21 5.53
N HIS A 7 13.66 16.35 5.06
CA HIS A 7 12.64 17.10 5.76
C HIS A 7 11.62 17.60 4.75
N PRO A 8 10.33 17.56 5.09
CA PRO A 8 9.76 17.01 6.31
C PRO A 8 9.45 15.51 6.21
N SER A 9 9.23 14.86 7.35
CA SER A 9 8.88 13.45 7.34
C SER A 9 7.42 13.22 6.95
N THR A 10 6.59 14.25 7.08
CA THR A 10 5.20 14.17 6.68
C THR A 10 4.84 15.43 5.92
N LEU A 11 4.10 15.28 4.84
CA LEU A 11 3.65 16.47 4.10
C LEU A 11 2.28 16.20 3.52
N SER A 12 1.34 17.09 3.81
CA SER A 12 -0.02 16.94 3.32
C SER A 12 -0.46 18.27 2.74
N VAL A 13 -0.94 18.23 1.49
CA VAL A 13 -1.37 19.42 0.76
C VAL A 13 -2.71 19.15 0.10
N GLN A 14 -3.30 20.22 -0.44
CA GLN A 14 -4.51 20.13 -1.26
C GLN A 14 -4.13 20.00 -2.72
N GLU A 15 -4.86 19.16 -3.44
CA GLU A 15 -4.72 19.06 -4.90
C GLU A 15 -4.75 20.45 -5.51
N GLY A 16 -3.73 20.77 -6.31
CA GLY A 16 -3.50 22.09 -6.82
C GLY A 16 -2.34 22.81 -6.16
N ASP A 17 -2.02 22.45 -4.92
CA ASP A 17 -0.92 23.09 -4.24
C ASP A 17 0.40 22.60 -4.79
N SER A 18 1.46 23.28 -4.39
CA SER A 18 2.79 22.78 -4.62
C SER A 18 3.31 22.12 -3.34
N ALA A 19 4.36 21.33 -3.50
CA ALA A 19 4.96 20.61 -2.40
C ALA A 19 6.45 20.61 -2.62
N VAL A 20 7.19 20.80 -1.55
CA VAL A 20 8.64 20.85 -1.66
C VAL A 20 9.24 19.98 -0.57
N ILE A 21 10.26 19.22 -0.94
CA ILE A 21 11.00 18.38 0.00
C ILE A 21 12.45 18.82 -0.03
N LYS A 22 13.00 19.13 1.14
CA LYS A 22 14.39 19.55 1.29
C LYS A 22 15.23 18.43 1.89
N CYS A 23 16.35 18.11 1.26
CA CYS A 23 17.33 17.18 1.80
C CYS A 23 18.67 17.87 1.97
N THR A 24 19.45 17.37 2.91
CA THR A 24 20.86 17.74 3.04
C THR A 24 21.68 16.45 3.08
N TYR A 25 22.97 16.59 2.82
CA TYR A 25 23.84 15.43 2.77
C TYR A 25 25.22 15.83 3.26
N SER A 26 25.94 14.88 3.82
CA SER A 26 27.21 15.19 4.47
C SER A 26 28.43 14.89 3.61
N ASP A 27 28.30 14.04 2.59
CA ASP A 27 29.46 13.56 1.82
C ASP A 27 29.76 14.52 0.68
N SER A 28 30.89 15.22 0.78
CA SER A 28 31.20 16.28 -0.16
C SER A 28 31.34 15.77 -1.58
N ALA A 29 31.88 14.57 -1.74
CA ALA A 29 32.17 14.05 -3.08
C ALA A 29 30.96 13.46 -3.75
N SER A 30 29.77 13.65 -3.19
CA SER A 30 28.56 13.10 -3.79
C SER A 30 28.26 13.82 -5.10
N ASN A 31 28.01 13.04 -6.16
CA ASN A 31 27.76 13.63 -7.48
C ASN A 31 26.52 13.10 -8.19
N TYR A 32 25.66 12.36 -7.50
CA TYR A 32 24.46 11.80 -8.11
C TYR A 32 23.35 11.86 -7.08
N PHE A 33 22.21 12.42 -7.42
CA PHE A 33 21.13 12.67 -6.45
C PHE A 33 19.80 12.22 -7.03
N PRO A 34 19.48 10.94 -6.89
CA PRO A 34 18.19 10.42 -7.36
C PRO A 34 17.06 10.69 -6.37
N TRP A 35 15.84 10.64 -6.90
CA TRP A 35 14.64 10.72 -6.08
C TRP A 35 13.72 9.56 -6.41
N TYR A 36 13.33 8.82 -5.38
CA TYR A 36 12.44 7.67 -5.54
C TYR A 36 11.04 7.98 -5.01
N LYS A 37 10.06 7.43 -5.68
CA LYS A 37 8.67 7.54 -5.29
C LYS A 37 8.16 6.13 -5.13
N GLN A 38 7.63 5.82 -3.95
CA GLN A 38 7.09 4.50 -3.65
C GLN A 38 5.62 4.68 -3.29
N GLU A 39 4.75 4.13 -4.13
CA GLU A 39 3.32 4.08 -3.82
C GLU A 39 3.04 2.83 -2.98
N LEU A 40 1.92 2.88 -2.25
CA LEU A 40 1.58 1.81 -1.32
C LEU A 40 1.47 0.49 -2.05
N GLY A 41 2.24 -0.51 -1.61
CA GLY A 41 2.22 -1.84 -2.19
C GLY A 41 3.17 -2.06 -3.34
N LYS A 42 3.92 -1.03 -3.75
CA LYS A 42 4.83 -1.13 -4.89
C LYS A 42 6.27 -0.91 -4.43
N GLY A 43 7.19 -1.21 -5.33
CA GLY A 43 8.58 -0.88 -5.13
C GLY A 43 8.82 0.59 -5.42
N PRO A 44 9.95 1.12 -4.95
CA PRO A 44 10.28 2.50 -5.28
C PRO A 44 10.48 2.64 -6.78
N GLN A 45 10.13 3.81 -7.29
CA GLN A 45 10.35 4.14 -8.69
C GLN A 45 11.15 5.44 -8.76
N LEU A 46 12.26 5.39 -9.49
CA LEU A 46 13.14 6.54 -9.63
C LEU A 46 12.49 7.56 -10.56
N ILE A 47 12.18 8.75 -10.07
CA ILE A 47 11.34 9.68 -10.82
C ILE A 47 12.16 10.80 -11.45
N ILE A 48 13.18 11.27 -10.75
CA ILE A 48 14.05 12.31 -11.27
C ILE A 48 15.43 12.15 -10.61
N ASP A 49 16.46 12.59 -11.30
CA ASP A 49 17.76 12.66 -10.67
C ASP A 49 18.50 13.83 -11.27
N ILE A 50 19.44 14.35 -10.50
CA ILE A 50 20.31 15.41 -10.96
C ILE A 50 21.72 14.87 -10.83
N ARG A 51 22.35 14.60 -11.98
CA ARG A 51 23.71 14.05 -12.05
C ARG A 51 24.75 15.15 -11.93
N SER A 52 24.48 16.13 -11.08
CA SER A 52 25.39 17.21 -10.67
C SER A 52 25.97 18.03 -11.82
N ASN A 53 26.98 18.86 -11.50
CA ASN A 53 27.58 19.86 -12.36
C ASN A 53 26.62 21.04 -12.57
N VAL A 54 25.32 20.80 -12.38
CA VAL A 54 24.29 21.79 -12.69
C VAL A 54 23.37 21.95 -11.48
N GLY A 55 22.59 23.03 -11.50
CA GLY A 55 21.81 23.38 -10.32
C GLY A 55 20.33 23.06 -10.36
N GLU A 56 19.78 22.84 -11.55
CA GLU A 56 18.35 22.68 -11.71
C GLU A 56 18.06 21.67 -12.81
N LYS A 57 17.00 20.87 -12.61
CA LYS A 57 16.39 20.08 -13.67
C LYS A 57 14.88 20.19 -13.52
N LYS A 58 14.17 20.30 -14.65
CA LYS A 58 12.71 20.32 -14.63
C LYS A 58 12.15 19.29 -15.60
N ASP A 59 11.24 18.44 -15.09
CA ASP A 59 10.45 17.50 -15.93
C ASP A 59 8.96 17.67 -15.60
N GLN A 60 8.28 18.52 -16.37
CA GLN A 60 6.82 18.76 -16.26
C GLN A 60 6.52 19.30 -14.86
N ARG A 61 5.69 18.65 -14.05
CA ARG A 61 5.38 19.20 -12.73
C ARG A 61 6.47 18.91 -11.69
N ILE A 62 7.49 18.15 -12.04
CA ILE A 62 8.52 17.70 -11.12
C ILE A 62 9.80 18.47 -11.42
N ALA A 63 10.49 18.90 -10.37
CA ALA A 63 11.71 19.69 -10.55
C ALA A 63 12.63 19.49 -9.36
N VAL A 64 13.93 19.44 -9.61
CA VAL A 64 14.90 19.28 -8.52
C VAL A 64 15.95 20.37 -8.59
N THR A 65 16.43 20.78 -7.42
CA THR A 65 17.53 21.75 -7.33
C THR A 65 18.64 21.17 -6.47
N LEU A 66 19.87 21.57 -6.79
CA LEU A 66 21.05 21.07 -6.07
C LEU A 66 22.03 22.21 -5.84
N ASN A 67 22.57 22.29 -4.62
CA ASN A 67 23.59 23.29 -4.27
C ASN A 67 24.76 22.55 -3.60
N LYS A 68 25.80 22.24 -4.38
CA LYS A 68 26.94 21.48 -3.83
C LYS A 68 27.65 22.24 -2.72
N THR A 69 27.62 23.56 -2.76
CA THR A 69 28.36 24.30 -1.75
C THR A 69 27.64 24.26 -0.40
N ALA A 70 26.31 24.30 -0.42
CA ALA A 70 25.56 24.09 0.81
C ALA A 70 25.28 22.62 1.09
N LYS A 71 25.45 21.74 0.10
CA LYS A 71 25.06 20.34 0.19
C LYS A 71 23.57 20.19 0.56
N HIS A 72 22.74 20.99 -0.09
CA HIS A 72 21.28 20.90 -0.08
C HIS A 72 20.84 20.38 -1.43
N PHE A 73 19.76 19.61 -1.44
CA PHE A 73 19.04 19.43 -2.69
C PHE A 73 17.57 19.23 -2.40
N SER A 74 16.74 19.53 -3.39
CA SER A 74 15.32 19.73 -3.17
C SER A 74 14.51 19.10 -4.28
N LEU A 75 13.29 18.73 -3.95
CA LEU A 75 12.32 18.26 -4.93
C LEU A 75 11.09 19.15 -4.83
N HIS A 76 10.60 19.62 -5.98
CA HIS A 76 9.47 20.52 -6.05
C HIS A 76 8.41 19.89 -6.94
N ILE A 77 7.23 19.66 -6.40
CA ILE A 77 6.08 19.24 -7.17
C ILE A 77 5.14 20.43 -7.26
N THR A 78 4.85 20.86 -8.47
CA THR A 78 3.83 21.87 -8.67
C THR A 78 2.55 21.19 -9.13
N GLU A 79 1.42 21.83 -8.86
CA GLU A 79 0.13 21.36 -9.37
C GLU A 79 -0.18 19.93 -8.90
N THR A 80 0.05 19.67 -7.62
CA THR A 80 -0.04 18.30 -7.14
C THR A 80 -1.37 17.68 -7.49
N GLN A 81 -1.33 16.42 -7.89
CA GLN A 81 -2.45 15.55 -8.13
C GLN A 81 -2.48 14.47 -7.06
N PRO A 82 -3.66 13.98 -6.70
CA PRO A 82 -3.71 12.92 -5.68
C PRO A 82 -2.84 11.72 -5.99
N GLU A 83 -2.65 11.35 -7.26
CA GLU A 83 -1.75 10.24 -7.60
C GLU A 83 -0.28 10.57 -7.35
N ASP A 84 0.04 11.77 -6.86
CA ASP A 84 1.35 12.05 -6.30
C ASP A 84 1.51 11.55 -4.87
N SER A 85 0.41 11.15 -4.21
CA SER A 85 0.49 10.66 -2.83
C SER A 85 1.34 9.41 -2.78
N ALA A 86 2.40 9.48 -1.97
CA ALA A 86 3.35 8.38 -1.85
C ALA A 86 4.40 8.74 -0.81
N VAL A 87 5.33 7.82 -0.57
CA VAL A 87 6.55 8.12 0.17
C VAL A 87 7.65 8.48 -0.83
N TYR A 88 8.33 9.58 -0.57
CA TYR A 88 9.45 10.00 -1.42
C TYR A 88 10.76 9.84 -0.66
N PHE A 89 11.75 9.25 -1.33
CA PHE A 89 13.08 9.11 -0.77
C PHE A 89 14.05 9.88 -1.64
N CYS A 90 14.83 10.76 -1.01
CA CYS A 90 15.99 11.33 -1.69
C CYS A 90 17.23 10.52 -1.35
N ALA A 91 18.25 10.65 -2.19
CA ALA A 91 19.46 9.89 -1.98
C ALA A 91 20.62 10.60 -2.64
N ALA A 92 21.82 10.40 -2.08
CA ALA A 92 23.05 10.96 -2.62
C ALA A 92 24.09 9.85 -2.69
N SER A 93 24.82 9.82 -3.80
CA SER A 93 25.87 8.83 -3.95
C SER A 93 27.06 9.47 -4.62
N LYS A 94 28.23 8.88 -4.40
CA LYS A 94 29.40 9.24 -5.18
C LYS A 94 29.82 8.17 -6.19
N ARG A 95 29.29 6.95 -6.08
CA ARG A 95 29.75 5.82 -6.89
C ARG A 95 28.59 5.04 -7.46
N GLY A 96 27.55 5.74 -7.91
CA GLY A 96 26.43 5.07 -8.55
C GLY A 96 25.39 4.63 -7.55
N PHE A 97 24.53 3.70 -7.99
CA PHE A 97 23.51 3.18 -7.08
C PHE A 97 24.13 2.31 -6.00
N GLN A 98 25.26 1.66 -6.27
CA GLN A 98 25.94 0.82 -5.29
C GLN A 98 26.15 1.52 -3.96
N LYS A 99 26.33 2.82 -3.95
CA LYS A 99 26.69 3.48 -2.72
C LYS A 99 25.72 4.62 -2.43
N LEU A 100 24.46 4.41 -2.80
CA LEU A 100 23.42 5.33 -2.42
C LEU A 100 23.31 5.47 -0.91
N VAL A 101 23.25 6.70 -0.43
CA VAL A 101 22.81 6.98 0.93
C VAL A 101 21.44 7.61 0.81
N PHE A 102 20.53 7.18 1.66
CA PHE A 102 19.10 7.41 1.50
C PHE A 102 18.59 8.35 2.57
N GLY A 103 17.73 9.28 2.15
CA GLY A 103 16.92 10.01 3.08
C GLY A 103 15.95 9.11 3.83
N THR A 104 15.43 9.64 4.93
CA THR A 104 14.53 8.83 5.74
C THR A 104 13.10 8.83 5.22
N GLY A 105 12.81 9.61 4.20
CA GLY A 105 11.52 9.47 3.56
C GLY A 105 10.52 10.54 3.99
N THR A 106 9.64 10.87 3.07
CA THR A 106 8.60 11.86 3.31
C THR A 106 7.31 11.28 2.78
N ARG A 107 6.27 11.25 3.63
CA ARG A 107 4.98 10.75 3.18
C ARG A 107 4.17 11.92 2.65
N LEU A 108 4.01 11.98 1.34
CA LEU A 108 3.22 13.03 0.73
C LEU A 108 1.79 12.53 0.57
N LEU A 109 0.84 13.27 1.14
CA LEU A 109 -0.57 13.04 0.89
C LEU A 109 -1.14 14.26 0.18
N VAL A 110 -1.83 14.03 -0.93
CA VAL A 110 -2.50 15.10 -1.64
C VAL A 110 -3.99 14.79 -1.55
N SER A 111 -4.68 15.53 -0.73
CA SER A 111 -6.10 15.28 -0.70
C SER A 111 -6.77 15.96 -1.89
N PRO A 112 -7.84 15.38 -2.41
CA PRO A 112 -8.51 15.98 -3.57
C PRO A 112 -9.47 17.08 -3.17
N ASN A 113 -9.63 18.02 -4.09
CA ASN A 113 -10.67 19.02 -3.94
C ASN A 113 -12.01 18.36 -4.20
N ILE A 114 -12.91 18.51 -3.26
CA ILE A 114 -14.24 17.94 -3.40
C ILE A 114 -15.11 19.02 -4.01
N GLN A 115 -15.51 18.80 -5.27
CA GLN A 115 -16.32 19.76 -6.01
C GLN A 115 -17.55 20.16 -5.21
N ASN A 116 -18.50 19.23 -5.07
CA ASN A 116 -19.77 19.50 -4.40
C ASN A 116 -19.89 18.64 -3.15
N PRO A 117 -19.41 19.09 -1.99
CA PRO A 117 -19.47 18.26 -0.79
C PRO A 117 -20.91 17.94 -0.43
N ASP A 118 -21.14 16.71 -0.01
CA ASP A 118 -22.48 16.22 0.32
C ASP A 118 -22.42 15.30 1.53
N PRO A 119 -22.05 15.83 2.70
CA PRO A 119 -21.79 14.98 3.87
C PRO A 119 -23.03 14.19 4.29
N ALA A 120 -22.89 12.88 4.32
CA ALA A 120 -23.99 12.02 4.75
C ALA A 120 -23.42 10.73 5.33
N VAL A 121 -24.25 10.05 6.11
CA VAL A 121 -23.93 8.76 6.68
C VAL A 121 -25.06 7.81 6.36
N TYR A 122 -24.72 6.63 5.85
CA TYR A 122 -25.71 5.68 5.36
C TYR A 122 -25.54 4.35 6.05
N GLN A 123 -26.66 3.71 6.36
CA GLN A 123 -26.70 2.34 6.82
C GLN A 123 -26.69 1.41 5.61
N LEU A 124 -25.65 0.58 5.52
CA LEU A 124 -25.50 -0.36 4.38
C LEU A 124 -26.41 -1.57 4.60
N ARG A 125 -26.76 -2.27 3.52
CA ARG A 125 -27.63 -3.48 3.62
C ARG A 125 -26.87 -4.55 4.41
N ASP A 126 -27.58 -5.34 5.22
CA ASP A 126 -26.96 -6.41 6.03
C ASP A 126 -26.58 -7.59 5.12
N SER A 127 -25.67 -8.45 5.58
CA SER A 127 -25.20 -9.55 4.75
C SER A 127 -25.63 -10.84 5.42
N LYS A 128 -26.24 -11.73 4.64
CA LYS A 128 -26.78 -12.98 5.19
C LYS A 128 -25.71 -13.80 5.90
N SER A 129 -24.43 -13.50 5.69
CA SER A 129 -23.32 -14.22 6.27
C SER A 129 -22.58 -13.45 7.37
N SER A 130 -23.00 -12.23 7.67
CA SER A 130 -22.35 -11.45 8.72
C SER A 130 -23.35 -11.09 9.81
N ASP A 131 -22.84 -10.97 11.03
CA ASP A 131 -23.57 -10.36 12.12
C ASP A 131 -23.35 -8.87 12.20
N LYS A 132 -22.51 -8.32 11.34
CA LYS A 132 -22.12 -6.93 11.47
C LYS A 132 -23.14 -6.01 10.80
N SER A 133 -23.26 -4.81 11.36
CA SER A 133 -23.93 -3.71 10.70
C SER A 133 -22.88 -2.68 10.30
N VAL A 134 -23.00 -2.14 9.09
CA VAL A 134 -21.95 -1.33 8.48
C VAL A 134 -22.52 0.05 8.17
N CYS A 135 -21.80 1.09 8.58
CA CYS A 135 -22.21 2.48 8.38
C CYS A 135 -21.17 3.21 7.54
N LEU A 136 -21.63 3.95 6.54
CA LEU A 136 -20.78 4.61 5.56
C LEU A 136 -20.90 6.13 5.69
N PHE A 137 -19.81 6.78 6.08
CA PHE A 137 -19.73 8.24 6.07
C PHE A 137 -19.04 8.66 4.76
N THR A 138 -19.78 9.30 3.87
CA THR A 138 -19.29 9.53 2.52
C THR A 138 -19.58 10.96 2.07
N ASP A 139 -18.88 11.37 1.02
CA ASP A 139 -19.14 12.63 0.30
C ASP A 139 -18.87 13.87 1.16
N PHE A 140 -17.95 13.77 2.12
CA PHE A 140 -17.65 14.91 2.97
C PHE A 140 -16.50 15.72 2.40
N ASP A 141 -16.42 16.98 2.84
CA ASP A 141 -15.30 17.84 2.51
C ASP A 141 -14.00 17.23 3.02
N SER A 142 -12.88 17.69 2.46
CA SER A 142 -11.61 17.14 2.91
C SER A 142 -11.08 17.82 4.17
N GLN A 143 -11.58 19.03 4.49
CA GLN A 143 -11.24 19.66 5.76
C GLN A 143 -11.88 18.95 6.97
N THR A 144 -12.44 17.75 6.80
CA THR A 144 -13.06 16.97 7.87
C THR A 144 -12.17 15.78 8.19
N ASN A 145 -11.95 15.54 9.49
CA ASN A 145 -11.07 14.46 9.96
C ASN A 145 -11.87 13.46 10.77
N VAL A 146 -11.64 12.18 10.51
CA VAL A 146 -12.39 11.10 11.13
C VAL A 146 -11.54 10.49 12.22
N SER A 147 -11.88 10.76 13.48
CA SER A 147 -11.21 10.08 14.58
C SER A 147 -11.66 8.62 14.65
N GLN A 148 -10.93 7.83 15.43
CA GLN A 148 -11.31 6.44 15.66
C GLN A 148 -12.39 6.35 16.74
N SER A 149 -12.87 5.14 16.97
CA SER A 149 -13.94 4.94 17.94
C SER A 149 -13.39 4.83 19.34
N LYS A 150 -14.10 5.43 20.30
CA LYS A 150 -13.78 5.26 21.70
C LYS A 150 -14.43 4.03 22.30
N ASP A 151 -15.18 3.27 21.50
CA ASP A 151 -15.77 2.01 21.91
C ASP A 151 -14.90 0.83 21.47
N SER A 152 -14.95 -0.25 22.25
CA SER A 152 -14.05 -1.38 22.02
C SER A 152 -14.50 -2.21 20.82
N ASP A 153 -15.79 -2.56 20.75
CA ASP A 153 -16.31 -3.33 19.61
C ASP A 153 -16.96 -2.42 18.57
N VAL A 154 -16.42 -1.23 18.35
CA VAL A 154 -16.83 -0.38 17.23
C VAL A 154 -15.56 -0.09 16.43
N TYR A 155 -15.53 -0.60 15.21
CA TYR A 155 -14.38 -0.47 14.32
C TYR A 155 -14.63 0.64 13.31
N ILE A 156 -13.70 1.59 13.25
CA ILE A 156 -13.80 2.75 12.38
C ILE A 156 -12.52 2.87 11.58
N THR A 157 -12.65 2.82 10.26
CA THR A 157 -11.51 2.99 9.38
C THR A 157 -11.26 4.48 9.11
N ASP A 158 -10.06 4.77 8.64
CA ASP A 158 -9.68 6.13 8.35
C ASP A 158 -10.15 6.54 6.95
N LYS A 159 -10.05 7.83 6.69
CA LYS A 159 -10.58 8.40 5.46
C LYS A 159 -9.90 7.79 4.23
N CYS A 160 -10.69 7.62 3.17
CA CYS A 160 -10.30 6.93 1.95
C CYS A 160 -10.96 7.67 0.79
N VAL A 161 -10.27 7.77 -0.34
CA VAL A 161 -10.79 8.51 -1.48
C VAL A 161 -10.79 7.61 -2.71
N LEU A 162 -11.92 7.55 -3.39
CA LEU A 162 -12.08 6.73 -4.58
C LEU A 162 -12.39 7.65 -5.75
N ASP A 163 -11.95 7.24 -6.93
CA ASP A 163 -12.04 8.07 -8.12
C ASP A 163 -12.87 7.29 -9.14
N MET A 164 -14.11 7.72 -9.33
CA MET A 164 -14.92 7.19 -10.41
C MET A 164 -14.44 7.89 -11.68
N ARG A 165 -13.40 7.30 -12.28
CA ARG A 165 -12.66 7.93 -13.37
C ARG A 165 -13.59 8.49 -14.45
N SER A 166 -14.52 7.67 -14.93
CA SER A 166 -15.27 8.01 -16.14
C SER A 166 -16.19 9.21 -15.99
N MET A 167 -16.44 9.68 -14.75
CA MET A 167 -17.27 10.85 -14.52
C MET A 167 -16.51 11.96 -13.79
N ASP A 168 -15.17 11.90 -13.79
CA ASP A 168 -14.29 12.84 -13.09
C ASP A 168 -14.87 13.24 -11.74
N PHE A 169 -15.07 12.23 -10.90
CA PHE A 169 -15.74 12.39 -9.61
C PHE A 169 -14.91 11.69 -8.55
N LYS A 170 -14.25 12.48 -7.70
CA LYS A 170 -13.59 11.94 -6.53
C LYS A 170 -14.51 12.05 -5.31
N SER A 171 -14.25 11.22 -4.31
CA SER A 171 -15.21 11.06 -3.21
C SER A 171 -14.51 10.46 -2.00
N ASN A 172 -14.60 11.15 -0.87
CA ASN A 172 -14.13 10.64 0.41
C ASN A 172 -15.16 9.71 1.04
N SER A 173 -14.67 8.74 1.81
CA SER A 173 -15.56 7.93 2.63
C SER A 173 -14.82 7.43 3.87
N ALA A 174 -15.61 6.97 4.83
CA ALA A 174 -15.11 6.27 6.00
C ALA A 174 -16.17 5.27 6.43
N VAL A 175 -15.73 4.21 7.11
CA VAL A 175 -16.55 3.05 7.38
C VAL A 175 -16.51 2.74 8.88
N ALA A 176 -17.68 2.56 9.48
CA ALA A 176 -17.78 2.06 10.85
C ALA A 176 -18.59 0.78 10.83
N TRP A 177 -18.20 -0.19 11.67
CA TRP A 177 -18.98 -1.42 11.78
C TRP A 177 -18.85 -2.01 13.18
N SER A 178 -19.83 -2.83 13.54
CA SER A 178 -19.91 -3.38 14.89
C SER A 178 -20.97 -4.46 14.91
N ASN A 179 -20.83 -5.42 15.81
CA ASN A 179 -21.88 -6.39 16.05
C ASN A 179 -22.63 -6.15 17.35
N LYS A 180 -22.20 -5.21 18.17
CA LYS A 180 -22.82 -4.98 19.46
C LYS A 180 -24.23 -4.42 19.28
N SER A 181 -25.08 -4.66 20.28
CA SER A 181 -26.49 -4.33 20.15
C SER A 181 -26.72 -2.83 20.14
N ASP A 182 -25.99 -2.08 20.97
CA ASP A 182 -26.21 -0.64 21.11
C ASP A 182 -25.37 0.13 20.10
N PHE A 183 -25.71 -0.03 18.83
CA PHE A 183 -24.93 0.56 17.75
C PHE A 183 -25.83 0.84 16.54
N ALA A 184 -26.00 2.12 16.23
CA ALA A 184 -26.68 2.61 15.04
C ALA A 184 -25.80 3.68 14.40
N CYS A 185 -26.30 4.26 13.29
CA CYS A 185 -25.46 5.15 12.48
C CYS A 185 -25.33 6.53 13.10
N ALA A 186 -26.39 7.06 13.69
CA ALA A 186 -26.39 8.41 14.22
C ALA A 186 -25.33 8.63 15.31
N ASN A 187 -24.67 7.57 15.78
CA ASN A 187 -23.73 7.68 16.87
C ASN A 187 -22.38 7.01 16.60
N ALA A 188 -22.19 6.41 15.42
CA ALA A 188 -20.95 5.70 15.12
C ALA A 188 -19.75 6.64 15.18
N PHE A 189 -19.86 7.78 14.47
CA PHE A 189 -18.78 8.75 14.35
C PHE A 189 -18.89 9.85 15.39
N ASN A 190 -19.60 9.62 16.49
CA ASN A 190 -19.79 10.66 17.50
C ASN A 190 -18.45 11.19 17.99
N ASN A 191 -17.47 10.31 18.21
CA ASN A 191 -16.14 10.70 18.62
C ASN A 191 -15.40 11.49 17.54
N SER A 192 -16.02 11.71 16.40
CA SER A 192 -15.49 12.57 15.34
C SER A 192 -16.34 13.83 15.24
N ILE A 193 -15.83 14.79 14.49
CA ILE A 193 -16.56 16.03 14.25
C ILE A 193 -17.02 16.07 12.81
N ILE A 194 -18.20 15.50 12.55
CA ILE A 194 -18.86 15.62 11.26
C ILE A 194 -19.24 17.08 11.08
N PRO A 195 -19.40 17.58 9.85
CA PRO A 195 -19.93 18.94 9.69
C PRO A 195 -21.33 19.05 10.25
N GLU A 196 -21.79 20.30 10.43
CA GLU A 196 -23.11 20.50 11.03
C GLU A 196 -24.23 19.99 10.13
N ASP A 197 -24.01 19.98 8.80
CA ASP A 197 -25.05 19.67 7.83
C ASP A 197 -24.94 18.26 7.26
N THR A 198 -24.46 17.29 8.04
CA THR A 198 -24.40 15.93 7.53
C THR A 198 -25.78 15.29 7.56
N PHE A 199 -26.10 14.61 6.46
CA PHE A 199 -27.42 14.05 6.23
C PHE A 199 -27.55 12.68 6.90
N PHE A 200 -28.61 12.51 7.70
CA PHE A 200 -28.93 11.21 8.31
C PHE A 200 -30.33 10.78 7.87
N PRO A 201 -30.47 9.95 6.86
CA PRO A 201 -31.80 9.41 6.51
C PRO A 201 -32.22 8.34 7.50
N SER A 202 -33.41 7.77 7.25
CA SER A 202 -33.96 6.69 8.09
C SER A 202 -34.30 5.46 7.24
N GLU B 3 11.35 -3.35 -16.46
CA GLU B 3 10.52 -3.98 -15.43
C GLU B 3 11.16 -5.22 -14.86
N VAL B 4 11.12 -5.28 -13.53
CA VAL B 4 11.68 -6.37 -12.73
C VAL B 4 10.53 -7.12 -12.08
N THR B 5 10.53 -8.45 -12.19
CA THR B 5 9.46 -9.27 -11.62
C THR B 5 9.96 -10.02 -10.40
N GLN B 6 9.09 -10.18 -9.42
CA GLN B 6 9.46 -10.89 -8.20
C GLN B 6 8.36 -11.88 -7.84
N THR B 7 8.78 -13.00 -7.27
CA THR B 7 7.82 -13.95 -6.72
C THR B 7 8.39 -14.53 -5.43
N PRO B 8 7.53 -14.80 -4.46
CA PRO B 8 6.09 -14.55 -4.49
C PRO B 8 5.78 -13.13 -4.02
N LYS B 9 4.54 -12.66 -4.18
CA LYS B 9 4.17 -11.33 -3.70
C LYS B 9 4.24 -11.26 -2.18
N HIS B 10 3.65 -12.25 -1.50
CA HIS B 10 3.62 -12.34 -0.05
C HIS B 10 4.12 -13.71 0.44
N LEU B 11 4.68 -13.72 1.64
CA LEU B 11 5.22 -14.96 2.18
C LEU B 11 5.13 -14.99 3.70
N VAL B 12 4.51 -16.03 4.22
CA VAL B 12 4.48 -16.30 5.66
C VAL B 12 5.37 -17.51 5.93
N MET B 13 6.21 -17.40 6.97
CA MET B 13 7.17 -18.45 7.29
C MET B 13 7.28 -18.66 8.79
N GLY B 14 7.30 -19.92 9.20
CA GLY B 14 7.78 -20.27 10.51
C GLY B 14 9.28 -20.15 10.59
N MET B 15 9.81 -20.45 11.77
CA MET B 15 11.23 -20.27 12.00
C MET B 15 12.08 -21.43 11.50
N THR B 16 11.47 -22.54 11.06
CA THR B 16 12.22 -23.66 10.50
C THR B 16 11.86 -23.99 9.05
N ASN B 17 11.03 -23.18 8.40
CA ASN B 17 10.82 -23.33 6.95
C ASN B 17 12.06 -22.86 6.18
N LYS B 18 12.23 -23.40 4.97
CA LYS B 18 13.09 -22.83 3.96
C LYS B 18 12.25 -22.45 2.75
N LYS B 19 12.47 -21.24 2.21
CA LYS B 19 11.80 -20.75 1.00
C LYS B 19 12.78 -19.94 0.16
N SER B 20 12.49 -19.87 -1.14
CA SER B 20 13.34 -19.13 -2.07
C SER B 20 12.56 -17.98 -2.66
N LEU B 21 13.21 -16.81 -2.73
CA LEU B 21 12.68 -15.63 -3.43
C LEU B 21 13.28 -15.58 -4.83
N LYS B 22 12.44 -15.36 -5.83
CA LYS B 22 12.87 -15.32 -7.21
C LYS B 22 12.72 -13.91 -7.73
N CYS B 23 13.65 -13.50 -8.59
CA CYS B 23 13.63 -12.19 -9.21
C CYS B 23 14.13 -12.27 -10.64
N GLU B 24 13.43 -11.60 -11.54
CA GLU B 24 13.77 -11.66 -12.96
C GLU B 24 13.82 -10.24 -13.55
N GLN B 25 14.81 -10.00 -14.40
CA GLN B 25 14.78 -8.88 -15.32
C GLN B 25 15.29 -9.35 -16.67
N HIS B 26 14.69 -8.85 -17.75
CA HIS B 26 15.18 -9.15 -19.09
C HIS B 26 15.71 -7.95 -19.82
N MET B 27 15.96 -6.86 -19.11
CA MET B 27 16.45 -5.65 -19.75
C MET B 27 17.92 -5.70 -20.07
N GLY B 28 18.58 -6.83 -19.78
CA GLY B 28 20.00 -6.94 -20.05
C GLY B 28 20.86 -6.20 -19.05
N HIS B 29 20.33 -5.96 -17.87
CA HIS B 29 21.09 -5.24 -16.87
C HIS B 29 22.18 -6.12 -16.26
N ARG B 30 23.37 -5.55 -16.16
CA ARG B 30 24.51 -6.27 -15.66
C ARG B 30 24.66 -6.16 -14.14
N ALA B 31 23.81 -5.38 -13.48
CA ALA B 31 23.83 -5.22 -12.03
C ALA B 31 22.48 -5.61 -11.45
N MET B 32 22.49 -6.42 -10.41
CA MET B 32 21.28 -6.80 -9.70
C MET B 32 21.46 -6.65 -8.19
N TYR B 33 20.36 -6.28 -7.54
CA TYR B 33 20.39 -5.83 -6.16
C TYR B 33 19.30 -6.54 -5.38
N TRP B 34 19.61 -6.85 -4.11
CA TRP B 34 18.63 -7.22 -3.11
C TRP B 34 18.63 -6.15 -2.04
N TYR B 35 17.46 -5.58 -1.76
CA TYR B 35 17.26 -4.67 -0.65
C TYR B 35 16.25 -5.25 0.33
N LYS B 36 16.37 -4.79 1.57
CA LYS B 36 15.43 -5.07 2.64
C LYS B 36 14.80 -3.75 3.05
N GLN B 37 13.49 -3.71 3.15
CA GLN B 37 12.79 -2.50 3.56
C GLN B 37 11.87 -2.82 4.74
N LYS B 38 12.12 -2.16 5.86
CA LYS B 38 11.24 -2.23 7.01
C LYS B 38 10.29 -1.04 7.00
N ALA B 39 9.14 -1.20 7.63
CA ALA B 39 8.07 -0.23 7.48
C ALA B 39 8.52 1.16 7.87
N LYS B 40 8.06 2.16 7.11
CA LYS B 40 8.38 3.57 7.35
C LYS B 40 9.89 3.82 7.33
N LYS B 41 10.64 3.01 6.58
CA LYS B 41 12.08 3.17 6.48
C LYS B 41 12.51 3.07 5.02
N PRO B 42 13.63 3.72 4.67
CA PRO B 42 14.15 3.61 3.29
C PRO B 42 14.73 2.23 3.05
N PRO B 43 14.91 1.83 1.80
CA PRO B 43 15.47 0.51 1.52
C PRO B 43 16.93 0.42 1.95
N GLU B 44 17.30 -0.73 2.49
CA GLU B 44 18.66 -1.02 2.99
C GLU B 44 19.30 -2.07 2.08
N LEU B 45 20.46 -1.73 1.55
CA LEU B 45 21.11 -2.62 0.58
C LEU B 45 21.64 -3.87 1.27
N MET B 46 21.40 -5.01 0.66
CA MET B 46 21.93 -6.27 1.14
C MET B 46 23.02 -6.82 0.22
N PHE B 47 22.67 -7.10 -1.03
CA PHE B 47 23.58 -7.70 -1.98
C PHE B 47 23.56 -6.95 -3.30
N VAL B 48 24.70 -6.94 -3.97
CA VAL B 48 24.82 -6.42 -5.32
C VAL B 48 25.64 -7.41 -6.12
N TYR B 49 25.09 -7.83 -7.27
CA TYR B 49 25.82 -8.66 -8.21
C TYR B 49 26.25 -7.81 -9.39
N SER B 50 27.41 -8.12 -9.94
CA SER B 50 27.95 -7.39 -11.08
C SER B 50 28.46 -8.44 -12.05
N TYR B 51 27.76 -8.58 -13.19
CA TYR B 51 28.08 -9.60 -14.17
C TYR B 51 28.07 -10.99 -13.53
N GLU B 52 27.10 -11.21 -12.64
CA GLU B 52 26.83 -12.50 -12.00
C GLU B 52 27.88 -12.91 -10.97
N LYS B 53 28.90 -12.08 -10.73
CA LYS B 53 29.79 -12.27 -9.61
C LYS B 53 29.31 -11.39 -8.48
N LEU B 54 29.22 -11.95 -7.29
CA LEU B 54 28.84 -11.14 -6.14
C LEU B 54 29.95 -10.14 -5.83
N SER B 55 29.58 -8.87 -5.71
CA SER B 55 30.55 -7.84 -5.37
C SER B 55 30.26 -7.08 -4.09
N ILE B 56 29.02 -7.04 -3.60
CA ILE B 56 28.70 -6.34 -2.36
C ILE B 56 27.85 -7.23 -1.46
N ASN B 57 28.25 -7.36 -0.20
CA ASN B 57 27.50 -8.08 0.81
C ASN B 57 27.56 -7.22 2.05
N GLU B 58 26.43 -6.60 2.40
CA GLU B 58 26.42 -5.62 3.49
C GLU B 58 26.07 -6.33 4.81
N SER B 59 27.05 -7.08 5.32
CA SER B 59 26.93 -7.74 6.62
C SER B 59 25.65 -8.56 6.71
N VAL B 60 25.25 -9.19 5.61
CA VAL B 60 23.96 -9.88 5.61
C VAL B 60 24.13 -11.23 6.30
N PRO B 61 23.31 -11.56 7.29
CA PRO B 61 23.48 -12.85 7.95
C PRO B 61 23.33 -14.02 6.97
N SER B 62 24.03 -15.10 7.27
CA SER B 62 24.13 -16.23 6.34
C SER B 62 22.78 -16.86 6.04
N ARG B 63 21.77 -16.66 6.89
CA ARG B 63 20.48 -17.29 6.65
C ARG B 63 19.78 -16.70 5.43
N PHE B 64 20.21 -15.54 4.93
CA PHE B 64 19.83 -15.04 3.63
C PHE B 64 20.95 -15.41 2.66
N SER B 65 20.74 -16.46 1.90
CA SER B 65 21.80 -16.98 1.06
C SER B 65 21.45 -16.68 -0.39
N PRO B 66 22.23 -15.83 -1.10
CA PRO B 66 21.81 -15.38 -2.43
C PRO B 66 22.40 -16.22 -3.54
N GLU B 67 21.84 -16.08 -4.73
CA GLU B 67 22.30 -16.90 -5.85
C GLU B 67 21.90 -16.24 -7.15
N CYS B 68 22.82 -16.27 -8.11
CA CYS B 68 22.64 -15.63 -9.40
C CYS B 68 22.96 -16.63 -10.50
N PRO B 69 21.99 -17.48 -10.87
CA PRO B 69 22.29 -18.52 -11.88
C PRO B 69 22.70 -17.99 -13.23
N ASN B 70 22.10 -16.92 -13.73
CA ASN B 70 22.50 -16.40 -15.03
C ASN B 70 22.26 -14.90 -15.10
N SER B 71 22.54 -14.36 -16.30
CA SER B 71 22.61 -12.91 -16.54
C SER B 71 21.34 -12.19 -16.14
N SER B 72 20.20 -12.87 -16.10
CA SER B 72 18.93 -12.19 -15.98
C SER B 72 18.09 -12.64 -14.79
N LEU B 73 18.64 -13.44 -13.89
CA LEU B 73 17.84 -14.02 -12.83
C LEU B 73 18.61 -14.02 -11.52
N LEU B 74 17.92 -13.70 -10.43
CA LEU B 74 18.57 -13.58 -9.13
C LEU B 74 17.67 -14.15 -8.04
N ASN B 75 18.24 -14.97 -7.16
CA ASN B 75 17.48 -15.67 -6.14
C ASN B 75 18.00 -15.31 -4.76
N LEU B 76 17.12 -15.46 -3.77
CA LEU B 76 17.49 -15.25 -2.38
C LEU B 76 16.86 -16.40 -1.60
N HIS B 77 17.69 -17.26 -1.02
CA HIS B 77 17.19 -18.44 -0.34
C HIS B 77 17.16 -18.14 1.14
N LEU B 78 16.05 -18.51 1.78
CA LEU B 78 15.75 -18.17 3.16
C LEU B 78 15.69 -19.45 3.99
N HIS B 79 16.18 -19.37 5.22
CA HIS B 79 16.11 -20.52 6.13
C HIS B 79 16.46 -20.07 7.55
N ALA B 80 15.97 -20.83 8.53
CA ALA B 80 16.20 -20.53 9.93
C ALA B 80 15.99 -19.04 10.20
N LEU B 81 14.93 -18.48 9.63
CA LEU B 81 14.69 -17.06 9.78
C LEU B 81 14.20 -16.75 11.19
N GLN B 82 14.19 -15.46 11.48
CA GLN B 82 13.81 -14.88 12.75
C GLN B 82 12.75 -13.81 12.51
N PRO B 83 11.87 -13.58 13.49
CA PRO B 83 10.73 -12.66 13.26
C PRO B 83 11.13 -11.25 12.86
N GLU B 84 12.27 -10.76 13.36
CA GLU B 84 12.78 -9.45 12.95
C GLU B 84 13.20 -9.45 11.50
N ASP B 85 13.21 -10.61 10.85
CA ASP B 85 13.46 -10.63 9.41
C ASP B 85 12.21 -10.29 8.60
N SER B 86 11.06 -10.14 9.24
CA SER B 86 9.88 -9.66 8.52
C SER B 86 10.20 -8.31 7.90
N ALA B 87 9.90 -8.19 6.61
CA ALA B 87 10.30 -7.01 5.85
C ALA B 87 9.74 -7.11 4.45
N LEU B 88 9.94 -6.05 3.68
CA LEU B 88 9.75 -6.09 2.24
C LEU B 88 11.11 -6.31 1.60
N TYR B 89 11.24 -7.36 0.81
CA TYR B 89 12.50 -7.71 0.18
C TYR B 89 12.46 -7.31 -1.28
N LEU B 90 13.28 -6.36 -1.65
CA LEU B 90 13.18 -5.70 -2.95
C LEU B 90 14.33 -6.14 -3.82
N CYS B 91 14.01 -6.53 -5.03
CA CYS B 91 14.99 -6.79 -6.05
C CYS B 91 15.13 -5.55 -6.95
N ALA B 92 16.34 -5.30 -7.45
CA ALA B 92 16.55 -4.16 -8.35
C ALA B 92 17.58 -4.51 -9.42
N SER B 93 17.61 -3.71 -10.49
CA SER B 93 18.62 -3.93 -11.52
C SER B 93 19.05 -2.60 -12.13
N SER B 94 20.23 -2.60 -12.73
CA SER B 94 20.82 -1.39 -13.32
C SER B 94 21.99 -1.77 -14.23
N GLN B 95 22.57 -0.75 -14.83
CA GLN B 95 23.76 -0.83 -15.67
C GLN B 95 23.42 -1.56 -16.97
N PRO B 96 22.78 -0.89 -17.91
CA PRO B 96 22.49 -1.49 -19.20
C PRO B 96 23.76 -1.90 -19.92
N PRO B 97 23.66 -2.73 -20.95
CA PRO B 97 24.87 -3.29 -21.58
C PRO B 97 25.79 -2.27 -22.21
N LEU B 98 26.85 -1.91 -21.48
CA LEU B 98 28.12 -1.41 -22.01
C LEU B 98 27.93 -0.23 -22.99
N GLY B 99 27.61 0.89 -22.38
CA GLY B 99 27.47 2.16 -23.06
C GLY B 99 26.16 2.45 -23.75
N VAL B 100 25.52 1.40 -24.28
CA VAL B 100 24.43 1.52 -25.25
C VAL B 100 23.16 1.54 -24.38
N GLY B 101 22.79 2.74 -23.93
CA GLY B 101 21.74 2.91 -22.94
C GLY B 101 22.20 3.70 -21.72
N THR B 102 21.49 4.79 -21.43
CA THR B 102 21.76 5.59 -20.23
C THR B 102 21.45 4.79 -18.96
N ASP B 103 22.06 5.20 -17.86
CA ASP B 103 21.89 4.44 -16.62
C ASP B 103 20.62 4.84 -15.89
N THR B 104 20.05 3.89 -15.16
CA THR B 104 18.92 4.08 -14.26
C THR B 104 18.81 2.83 -13.40
N GLN B 105 17.84 2.81 -12.50
CA GLN B 105 17.69 1.67 -11.60
C GLN B 105 16.22 1.31 -11.40
N TYR B 106 15.90 0.02 -11.54
CA TYR B 106 14.53 -0.46 -11.53
C TYR B 106 14.33 -1.39 -10.36
N PHE B 107 13.16 -1.29 -9.70
CA PHE B 107 12.83 -2.13 -8.57
C PHE B 107 11.69 -3.07 -8.94
N GLY B 108 11.75 -4.30 -8.46
CA GLY B 108 10.59 -5.14 -8.48
C GLY B 108 9.61 -4.71 -7.42
N PRO B 109 8.48 -5.42 -7.35
CA PRO B 109 7.46 -5.09 -6.35
C PRO B 109 7.75 -5.68 -4.98
N GLY B 110 8.76 -6.52 -4.87
CA GLY B 110 9.15 -7.05 -3.59
C GLY B 110 8.30 -8.20 -3.09
N THR B 111 8.92 -9.08 -2.33
CA THR B 111 8.21 -10.09 -1.57
C THR B 111 7.96 -9.55 -0.18
N ARG B 112 6.69 -9.45 0.21
CA ARG B 112 6.32 -9.02 1.56
C ARG B 112 6.37 -10.24 2.48
N LEU B 113 7.28 -10.23 3.43
CA LEU B 113 7.61 -11.42 4.21
C LEU B 113 7.30 -11.19 5.68
N THR B 114 6.59 -12.13 6.30
CA THR B 114 6.34 -12.12 7.73
C THR B 114 6.83 -13.45 8.30
N VAL B 115 7.70 -13.37 9.29
CA VAL B 115 8.21 -14.54 10.00
C VAL B 115 7.57 -14.54 11.37
N LEU B 116 6.92 -15.65 11.72
CA LEU B 116 6.24 -15.75 13.00
C LEU B 116 6.88 -16.83 13.86
N GLU B 117 6.81 -16.62 15.18
CA GLU B 117 7.36 -17.59 16.11
C GLU B 117 6.52 -18.87 16.14
N ASP B 118 5.20 -18.71 16.25
CA ASP B 118 4.26 -19.83 16.31
C ASP B 118 3.17 -19.63 15.27
N LEU B 119 3.02 -20.63 14.40
CA LEU B 119 1.97 -20.53 13.40
C LEU B 119 0.58 -20.77 13.98
N LYS B 120 0.48 -21.03 15.28
CA LYS B 120 -0.80 -21.23 15.96
C LYS B 120 -1.76 -20.07 15.73
N ASN B 121 -1.24 -18.87 15.48
CA ASN B 121 -2.04 -17.66 15.39
C ASN B 121 -2.46 -17.29 13.98
N VAL B 122 -2.06 -18.07 12.97
CA VAL B 122 -2.46 -17.77 11.61
C VAL B 122 -3.95 -18.01 11.45
N PHE B 123 -4.67 -17.03 10.88
CA PHE B 123 -6.10 -17.12 10.66
C PHE B 123 -6.43 -16.55 9.30
N PRO B 124 -7.13 -17.28 8.45
CA PRO B 124 -7.63 -16.70 7.20
C PRO B 124 -8.76 -15.73 7.52
N PRO B 125 -9.01 -14.75 6.66
CA PRO B 125 -10.09 -13.80 6.93
C PRO B 125 -11.45 -14.42 6.72
N GLU B 126 -12.44 -13.80 7.34
CA GLU B 126 -13.82 -13.91 6.94
C GLU B 126 -14.11 -12.72 6.06
N VAL B 127 -14.87 -12.93 4.98
CA VAL B 127 -15.11 -11.88 4.01
C VAL B 127 -16.60 -11.75 3.80
N ALA B 128 -17.09 -10.51 3.80
CA ALA B 128 -18.51 -10.23 3.66
C ALA B 128 -18.69 -8.96 2.84
N VAL B 129 -19.74 -8.94 2.01
CA VAL B 129 -20.06 -7.80 1.16
C VAL B 129 -21.40 -7.22 1.61
N PHE B 130 -21.47 -5.90 1.68
CA PHE B 130 -22.66 -5.20 2.14
C PHE B 130 -23.15 -4.33 1.01
N GLU B 131 -24.39 -4.56 0.61
CA GLU B 131 -25.00 -3.92 -0.54
C GLU B 131 -25.36 -2.48 -0.22
N PRO B 132 -25.49 -1.64 -1.24
CA PRO B 132 -25.63 -0.20 -1.02
C PRO B 132 -26.86 0.18 -0.21
N SER B 133 -26.78 1.38 0.36
CA SER B 133 -27.92 2.03 1.00
C SER B 133 -28.85 2.62 -0.05
N GLU B 134 -30.14 2.26 0.04
CA GLU B 134 -31.12 2.85 -0.88
C GLU B 134 -31.25 4.36 -0.69
N ALA B 135 -30.98 4.85 0.52
CA ALA B 135 -31.00 6.30 0.75
C ALA B 135 -29.84 6.99 0.02
N GLU B 136 -28.69 6.31 -0.05
CA GLU B 136 -27.60 6.80 -0.88
C GLU B 136 -28.00 6.80 -2.35
N ILE B 137 -28.65 5.71 -2.79
CA ILE B 137 -29.01 5.59 -4.19
C ILE B 137 -29.89 6.75 -4.62
N SER B 138 -30.79 7.19 -3.74
CA SER B 138 -31.70 8.24 -4.13
C SER B 138 -31.18 9.64 -3.80
N HIS B 139 -30.31 9.75 -2.80
CA HIS B 139 -29.73 11.06 -2.52
C HIS B 139 -28.70 11.47 -3.58
N THR B 140 -27.91 10.53 -4.08
CA THR B 140 -26.76 10.86 -4.89
C THR B 140 -26.73 10.21 -6.26
N GLN B 141 -27.63 9.27 -6.57
CA GLN B 141 -27.62 8.50 -7.81
C GLN B 141 -26.36 7.66 -7.95
N LYS B 142 -25.71 7.34 -6.83
CA LYS B 142 -24.53 6.49 -6.79
C LYS B 142 -24.76 5.43 -5.73
N ALA B 143 -24.02 4.34 -5.83
CA ALA B 143 -24.21 3.21 -4.92
C ALA B 143 -22.85 2.70 -4.48
N THR B 144 -22.66 2.55 -3.18
CA THR B 144 -21.38 2.10 -2.63
C THR B 144 -21.59 0.74 -1.99
N LEU B 145 -20.83 -0.24 -2.44
CA LEU B 145 -20.71 -1.52 -1.75
C LEU B 145 -19.51 -1.43 -0.81
N VAL B 146 -19.61 -2.10 0.33
CA VAL B 146 -18.50 -2.24 1.23
C VAL B 146 -18.14 -3.72 1.33
N CYS B 147 -16.84 -3.98 1.36
CA CYS B 147 -16.33 -5.32 1.57
C CYS B 147 -15.48 -5.35 2.84
N LEU B 148 -15.82 -6.24 3.77
CA LEU B 148 -15.11 -6.36 5.03
C LEU B 148 -14.37 -7.68 5.04
N ALA B 149 -13.06 -7.62 5.25
CA ALA B 149 -12.25 -8.79 5.56
C ALA B 149 -11.81 -8.66 7.01
N THR B 150 -12.14 -9.65 7.84
CA THR B 150 -11.93 -9.52 9.28
C THR B 150 -11.41 -10.83 9.86
N GLY B 151 -10.74 -10.71 11.00
CA GLY B 151 -10.24 -11.87 11.73
C GLY B 151 -9.02 -12.55 11.14
N PHE B 152 -8.26 -11.88 10.27
CA PHE B 152 -7.16 -12.58 9.64
C PHE B 152 -5.85 -12.23 10.33
N TYR B 153 -4.87 -13.10 10.13
CA TYR B 153 -3.55 -12.90 10.73
C TYR B 153 -2.56 -13.82 10.01
N PRO B 154 -1.37 -13.32 9.67
CA PRO B 154 -0.96 -11.93 9.79
C PRO B 154 -1.55 -11.10 8.65
N ASP B 155 -1.19 -9.83 8.50
CA ASP B 155 -1.87 -8.92 7.55
C ASP B 155 -1.31 -9.03 6.14
N HIS B 156 -1.31 -10.25 5.62
CA HIS B 156 -0.93 -10.53 4.25
C HIS B 156 -2.19 -10.86 3.46
N VAL B 157 -2.88 -9.81 3.00
CA VAL B 157 -4.05 -9.97 2.16
C VAL B 157 -3.93 -9.05 0.96
N GLU B 158 -4.37 -9.55 -0.18
CA GLU B 158 -4.58 -8.74 -1.37
C GLU B 158 -6.07 -8.78 -1.65
N LEU B 159 -6.69 -7.61 -1.69
CA LEU B 159 -8.13 -7.52 -1.90
C LEU B 159 -8.40 -6.94 -3.28
N SER B 160 -9.28 -7.58 -4.04
CA SER B 160 -9.62 -7.09 -5.37
C SER B 160 -11.13 -7.20 -5.58
N TRP B 161 -11.66 -6.37 -6.47
CA TRP B 161 -13.06 -6.40 -6.85
C TRP B 161 -13.18 -6.93 -8.27
N TRP B 162 -14.22 -7.72 -8.50
CA TRP B 162 -14.45 -8.27 -9.82
C TRP B 162 -15.89 -7.99 -10.20
N VAL B 163 -16.10 -7.41 -11.38
CA VAL B 163 -17.43 -7.15 -11.88
C VAL B 163 -17.60 -7.91 -13.17
N ASN B 164 -18.59 -8.80 -13.21
CA ASN B 164 -18.85 -9.62 -14.39
C ASN B 164 -17.58 -10.34 -14.84
N GLY B 165 -16.83 -10.86 -13.87
CA GLY B 165 -15.66 -11.66 -14.15
C GLY B 165 -14.36 -10.92 -14.44
N LYS B 166 -14.38 -9.58 -14.53
CA LYS B 166 -13.18 -8.82 -14.83
C LYS B 166 -12.83 -7.90 -13.67
N GLU B 167 -11.53 -7.85 -13.34
CA GLU B 167 -11.12 -7.00 -12.23
C GLU B 167 -11.32 -5.53 -12.60
N VAL B 168 -11.78 -4.75 -11.62
CA VAL B 168 -12.07 -3.32 -11.80
C VAL B 168 -11.19 -2.52 -10.85
N HIS B 169 -10.90 -1.28 -11.25
CA HIS B 169 -10.11 -0.40 -10.38
C HIS B 169 -10.79 0.94 -10.15
N SER B 170 -11.56 1.42 -11.12
CA SER B 170 -12.22 2.70 -10.95
C SER B 170 -13.37 2.57 -9.95
N GLY B 171 -13.52 3.56 -9.07
CA GLY B 171 -14.52 3.55 -8.01
C GLY B 171 -14.14 2.76 -6.77
N VAL B 172 -12.89 2.28 -6.68
CA VAL B 172 -12.42 1.43 -5.59
C VAL B 172 -11.53 2.25 -4.66
N CYS B 173 -11.72 2.07 -3.36
CA CYS B 173 -10.78 2.53 -2.35
C CYS B 173 -10.63 1.42 -1.32
N THR B 174 -9.42 0.91 -1.16
CA THR B 174 -9.14 -0.07 -0.11
C THR B 174 -8.23 0.55 0.92
N ASP B 175 -8.58 0.37 2.19
CA ASP B 175 -7.81 0.87 3.32
C ASP B 175 -6.34 0.66 3.08
N PRO B 176 -5.56 1.74 3.13
CA PRO B 176 -4.10 1.57 3.09
C PRO B 176 -3.58 0.64 4.18
N GLN B 177 -4.16 0.63 5.37
CA GLN B 177 -3.63 -0.18 6.46
C GLN B 177 -4.74 -1.00 7.11
N PRO B 178 -4.43 -2.20 7.57
CA PRO B 178 -5.46 -2.99 8.27
C PRO B 178 -5.65 -2.51 9.71
N LEU B 179 -6.91 -2.41 10.11
CA LEU B 179 -7.26 -2.13 11.49
C LEU B 179 -6.84 -3.28 12.38
N LYS B 180 -6.38 -2.97 13.58
CA LYS B 180 -6.14 -4.00 14.58
C LYS B 180 -7.42 -4.24 15.35
N GLU B 181 -7.85 -5.49 15.44
CA GLU B 181 -9.11 -5.79 16.11
C GLU B 181 -8.99 -5.78 17.62
N GLN B 182 -7.83 -6.16 18.16
CA GLN B 182 -7.52 -6.01 19.59
C GLN B 182 -6.24 -5.18 19.70
N PRO B 183 -6.35 -3.86 19.61
CA PRO B 183 -5.13 -3.02 19.49
C PRO B 183 -4.09 -3.24 20.58
N ALA B 184 -4.50 -3.61 21.79
CA ALA B 184 -3.54 -3.85 22.87
C ALA B 184 -2.70 -5.09 22.60
N LEU B 185 -3.34 -6.21 22.29
CA LEU B 185 -2.65 -7.49 22.12
C LEU B 185 -1.63 -7.44 20.97
N ASN B 186 -0.55 -8.19 21.14
CA ASN B 186 0.43 -8.35 20.06
C ASN B 186 -0.10 -9.25 18.96
N ASP B 187 -0.86 -10.28 19.33
CA ASP B 187 -1.38 -11.29 18.40
C ASP B 187 -2.73 -10.90 17.80
N SER B 188 -2.99 -9.60 17.64
CA SER B 188 -4.30 -9.14 17.19
C SER B 188 -4.54 -9.52 15.74
N ARG B 189 -5.66 -10.19 15.50
CA ARG B 189 -6.12 -10.35 14.14
C ARG B 189 -6.53 -9.00 13.56
N TYR B 190 -6.49 -8.89 12.23
CA TYR B 190 -6.69 -7.62 11.55
C TYR B 190 -8.02 -7.60 10.83
N ALA B 191 -8.40 -6.39 10.43
CA ALA B 191 -9.61 -6.16 9.66
C ALA B 191 -9.33 -5.10 8.61
N LEU B 192 -9.95 -5.27 7.44
CA LEU B 192 -9.68 -4.45 6.27
C LEU B 192 -10.98 -4.14 5.55
N SER B 193 -11.20 -2.86 5.30
CA SER B 193 -12.37 -2.35 4.60
C SER B 193 -12.06 -2.04 3.14
N SER B 194 -13.07 -2.16 2.27
CA SER B 194 -12.93 -1.63 0.92
C SER B 194 -14.28 -1.16 0.39
N ARG B 195 -14.26 -0.09 -0.42
CA ARG B 195 -15.47 0.40 -1.07
C ARG B 195 -15.37 0.21 -2.57
N LEU B 196 -16.52 -0.09 -3.18
CA LEU B 196 -16.66 -0.06 -4.64
C LEU B 196 -17.91 0.76 -4.95
N ARG B 197 -17.74 1.85 -5.69
CA ARG B 197 -18.82 2.80 -5.94
C ARG B 197 -19.14 2.85 -7.43
N VAL B 198 -20.44 2.77 -7.74
CA VAL B 198 -20.92 2.69 -9.11
C VAL B 198 -22.17 3.55 -9.21
N SER B 199 -22.54 3.87 -10.45
CA SER B 199 -23.76 4.61 -10.69
C SER B 199 -24.97 3.82 -10.19
N ALA B 200 -25.99 4.55 -9.74
CA ALA B 200 -27.22 3.90 -9.29
C ALA B 200 -27.81 3.01 -10.38
N THR B 201 -27.69 3.45 -11.65
CA THR B 201 -28.16 2.63 -12.77
C THR B 201 -27.45 1.30 -12.80
N PHE B 202 -26.13 1.32 -12.59
CA PHE B 202 -25.35 0.10 -12.70
C PHE B 202 -25.70 -0.89 -11.61
N TRP B 203 -25.91 -0.41 -10.39
CA TRP B 203 -26.24 -1.32 -9.31
C TRP B 203 -27.66 -1.85 -9.44
N GLN B 204 -28.58 -1.07 -10.02
CA GLN B 204 -29.94 -1.56 -10.09
C GLN B 204 -30.15 -2.61 -11.17
N ASN B 205 -29.12 -2.87 -12.00
CA ASN B 205 -29.17 -3.92 -13.03
C ASN B 205 -28.84 -5.28 -12.42
N PRO B 206 -29.79 -6.20 -12.35
CA PRO B 206 -29.55 -7.49 -11.67
C PRO B 206 -28.67 -8.44 -12.45
N ARG B 207 -28.28 -8.08 -13.68
CA ARG B 207 -27.33 -8.90 -14.44
C ARG B 207 -25.90 -8.63 -14.00
N ASN B 208 -25.65 -7.52 -13.31
CA ASN B 208 -24.31 -7.17 -12.88
C ASN B 208 -23.89 -7.91 -11.62
N HIS B 209 -22.68 -8.43 -11.64
CA HIS B 209 -22.15 -9.37 -10.66
C HIS B 209 -20.93 -8.74 -9.99
N PHE B 210 -20.91 -8.72 -8.67
CA PHE B 210 -19.84 -8.07 -7.90
C PHE B 210 -19.22 -9.09 -6.93
N ARG B 211 -17.95 -9.39 -7.14
CA ARG B 211 -17.22 -10.32 -6.28
C ARG B 211 -16.15 -9.53 -5.56
N CYS B 212 -16.16 -9.58 -4.24
CA CYS B 212 -15.03 -9.10 -3.45
C CYS B 212 -14.15 -10.28 -3.12
N GLN B 213 -12.88 -10.19 -3.49
CA GLN B 213 -11.96 -11.32 -3.45
C GLN B 213 -10.77 -10.96 -2.58
N VAL B 214 -10.53 -11.74 -1.54
CA VAL B 214 -9.37 -11.54 -0.69
C VAL B 214 -8.43 -12.73 -0.86
N GLN B 215 -7.22 -12.46 -1.34
CA GLN B 215 -6.18 -13.49 -1.37
C GLN B 215 -5.41 -13.47 -0.06
N PHE B 216 -5.45 -14.57 0.67
CA PHE B 216 -4.83 -14.69 1.98
C PHE B 216 -3.58 -15.56 1.85
N TYR B 217 -2.47 -15.08 2.35
CA TYR B 217 -1.23 -15.84 2.34
C TYR B 217 -1.02 -16.42 3.72
N GLY B 218 -0.99 -17.75 3.81
CA GLY B 218 -0.89 -18.45 5.06
C GLY B 218 0.11 -19.59 4.99
N LEU B 219 -0.25 -20.74 5.54
CA LEU B 219 0.67 -21.86 5.60
C LEU B 219 0.76 -22.56 4.26
N SER B 220 1.91 -23.16 3.99
CA SER B 220 2.03 -24.07 2.87
C SER B 220 1.70 -25.50 3.33
N GLU B 221 1.71 -26.43 2.38
CA GLU B 221 1.56 -27.84 2.74
C GLU B 221 2.70 -28.29 3.65
N ASN B 222 3.90 -27.71 3.47
CA ASN B 222 5.09 -28.11 4.22
C ASN B 222 5.01 -27.79 5.71
N ASP B 223 4.04 -26.99 6.14
CA ASP B 223 3.94 -26.59 7.55
C ASP B 223 3.12 -27.61 8.32
N GLU B 224 3.61 -28.03 9.48
CA GLU B 224 2.89 -28.98 10.32
C GLU B 224 1.75 -28.30 11.07
N TRP B 225 0.63 -29.00 11.21
CA TRP B 225 -0.55 -28.45 11.87
C TRP B 225 -1.17 -29.51 12.77
N THR B 226 -1.19 -29.23 14.08
CA THR B 226 -1.78 -30.14 15.06
C THR B 226 -3.04 -29.61 15.70
N GLN B 227 -3.49 -28.41 15.33
CA GLN B 227 -4.69 -27.86 15.95
C GLN B 227 -5.93 -28.59 15.46
N ASP B 228 -6.95 -28.63 16.32
CA ASP B 228 -8.21 -29.25 15.94
C ASP B 228 -8.85 -28.50 14.78
N ARG B 229 -8.85 -27.18 14.84
CA ARG B 229 -9.48 -26.37 13.80
C ARG B 229 -8.77 -26.56 12.45
N ALA B 230 -9.39 -26.01 11.41
CA ALA B 230 -8.91 -26.19 10.05
C ALA B 230 -7.56 -25.53 9.84
N LYS B 231 -6.69 -26.20 9.11
CA LYS B 231 -5.35 -25.69 8.89
C LYS B 231 -5.40 -24.46 8.00
N PRO B 232 -4.88 -23.30 8.46
CA PRO B 232 -5.02 -21.99 7.78
C PRO B 232 -4.03 -21.78 6.64
N VAL B 233 -4.18 -22.62 5.61
CA VAL B 233 -3.29 -22.52 4.47
C VAL B 233 -3.60 -21.26 3.67
N THR B 234 -2.63 -20.87 2.84
CA THR B 234 -2.85 -19.90 1.78
C THR B 234 -4.12 -20.24 0.98
N GLN B 235 -5.01 -19.26 0.83
CA GLN B 235 -6.30 -19.53 0.17
C GLN B 235 -6.95 -18.23 -0.26
N ILE B 236 -8.02 -18.35 -1.05
CA ILE B 236 -8.81 -17.20 -1.47
C ILE B 236 -10.18 -17.27 -0.80
N VAL B 237 -10.65 -16.14 -0.29
CA VAL B 237 -11.96 -16.03 0.34
C VAL B 237 -12.72 -14.89 -0.32
N SER B 238 -13.88 -15.20 -0.90
CA SER B 238 -14.71 -14.25 -1.63
C SER B 238 -16.11 -14.16 -1.04
N ALA B 239 -16.71 -12.99 -1.20
CA ALA B 239 -18.13 -12.74 -0.99
C ALA B 239 -18.69 -12.15 -2.28
N GLU B 240 -19.95 -12.46 -2.59
CA GLU B 240 -20.56 -12.02 -3.85
C GLU B 240 -21.80 -11.19 -3.60
N ALA B 241 -22.24 -10.52 -4.66
CA ALA B 241 -23.46 -9.73 -4.61
C ALA B 241 -23.89 -9.44 -6.03
N TRP B 242 -25.19 -9.30 -6.22
CA TRP B 242 -25.72 -9.06 -7.56
C TRP B 242 -26.61 -7.83 -7.52
N GLY B 243 -26.75 -7.20 -8.69
CA GLY B 243 -27.58 -5.98 -8.81
C GLY B 243 -29.00 -6.22 -8.35
N ARG B 244 -29.55 -5.26 -7.60
CA ARG B 244 -30.95 -5.38 -7.10
C ARG B 244 -31.79 -4.30 -7.80
N ALA B 245 -32.92 -4.70 -8.41
CA ALA B 245 -33.81 -3.77 -9.14
C ALA B 245 -34.71 -3.02 -8.14
N ASP B 246 -35.43 -1.99 -8.63
CA ASP B 246 -36.28 -1.17 -7.76
C ASP B 246 -37.43 -1.96 -7.14
N GLY B 247 -37.72 -1.64 -5.87
CA GLY B 247 -38.84 -2.24 -5.16
C GLY B 247 -40.13 -1.45 -5.32
S SO4 C . 10.19 17.12 10.00
O1 SO4 C . 8.90 16.46 9.81
O2 SO4 C . 10.24 18.35 9.22
O3 SO4 C . 11.27 16.22 9.58
O4 SO4 C . 10.35 17.44 11.41
C1 EDO D . 0.99 13.44 -15.34
O1 EDO D . 1.80 13.15 -14.19
C2 EDO D . 1.02 14.95 -15.54
O2 EDO D . 2.37 15.37 -15.72
CL CL E . -11.00 -0.24 -14.40
CL CL F . 14.75 -28.95 5.37
S SO4 G . 26.18 -15.33 10.35
O1 SO4 G . 24.72 -15.26 10.45
O2 SO4 G . 26.61 -14.58 9.16
O3 SO4 G . 26.76 -14.74 11.56
O4 SO4 G . 26.65 -16.71 10.23
S SO4 H . 10.32 -22.67 -2.91
O1 SO4 H . 10.33 -22.32 -4.33
O2 SO4 H . 9.62 -23.94 -2.71
O3 SO4 H . 11.70 -22.80 -2.45
O4 SO4 H . 9.65 -21.63 -2.15
#